data_6BG3
#
_entry.id   6BG3
#
_cell.length_a   35.169
_cell.length_b   96.915
_cell.length_c   59.388
_cell.angle_alpha   90.000
_cell.angle_beta   105.500
_cell.angle_gamma   90.000
#
_symmetry.space_group_name_H-M   'P 1 21 1'
#
loop_
_entity.id
_entity.type
_entity.pdbx_description
1 polymer 'Endolysin, DCN1-like protein 1 chimera'
2 non-polymer "N-{(3S,4S)-1-benzyl-3-[(1S)-1-hydroxyethoxy]piperidin-4-yl}-N'-[3-(trifluoromethyl)phenyl]urea"
3 water water
#
_entity_poly.entity_id   1
_entity_poly.type   'polypeptide(L)'
_entity_poly.pdbx_seq_one_letter_code
;MGSSHHHHHHSQDLENLYFQGSMNIFEMLRIDEGLRLKIYKDTEGYYTIGIGHLLTKSPSLNAAKSELDKAIGRNTNGVI
TKDEAEKLFNQDVDAAVRGILRNAKLKPVYDSLDAVRRAALINMVFQMGETGVAGFTNSLRMLQQKRWDEAAVNLAKSRW
YNQTPNRTKRVITTFRTGTWDAYKNLRKKLEQLYNRYKDPQDENKIGIDGIQQFCDDLALDPASISVLIIAWKFRAATQC
EFSKQEFMDGMTELGCDSIEKLKAQIPKMEQELKEPGRFKDFYQFTFNFAKNPGQKGLDLEMAIAYWNLVLNGRFKFLDL
WNKFLLEHHKRSIPKDTWNLLLDFSTMIADDMSNYDEEGAWPVLIDDFVEFARPQIAGTKSTTV
;
_entity_poly.pdbx_strand_id   A
#
loop_
_chem_comp.id
_chem_comp.type
_chem_comp.name
_chem_comp.formula
DOJ non-polymer N-{(3S,4S)-1-benzyl-3-[(1S)-1-hydroxyethoxy]piperidin-4-yl}-N'-[3-(trifluoromethyl)phenyl]urea 'C22 H26 F3 N3 O3'
#
# COMPACT_ATOMS: atom_id res chain seq x y z
N HIS A 10 -5.52 30.50 12.28
CA HIS A 10 -4.83 30.04 11.03
C HIS A 10 -5.81 29.46 10.02
N SER A 11 -5.63 29.85 8.77
CA SER A 11 -6.58 29.53 7.71
C SER A 11 -6.84 28.03 7.54
N GLN A 12 -5.84 27.20 7.76
CA GLN A 12 -5.97 25.77 7.50
C GLN A 12 -6.40 24.94 8.70
N ASP A 13 -6.55 25.55 9.86
CA ASP A 13 -6.93 24.82 11.05
C ASP A 13 -8.19 24.00 10.81
N LEU A 14 -8.17 22.73 11.24
CA LEU A 14 -9.34 21.88 11.02
C LEU A 14 -10.56 22.34 11.82
N GLU A 15 -10.32 23.10 12.90
CA GLU A 15 -11.42 23.67 13.68
C GLU A 15 -12.31 24.56 12.83
N ASN A 16 -11.77 25.12 11.75
CA ASN A 16 -12.58 25.92 10.85
C ASN A 16 -13.59 25.12 10.06
N LEU A 17 -13.49 23.79 10.13
CA LEU A 17 -14.38 22.89 9.41
C LEU A 17 -15.33 22.16 10.37
N TYR A 18 -15.32 22.53 11.65
CA TYR A 18 -16.13 21.79 12.61
C TYR A 18 -17.64 21.91 12.40
N PHE A 19 -18.08 22.91 11.64
CA PHE A 19 -19.48 23.04 11.29
C PHE A 19 -19.91 22.05 10.22
N GLN A 20 -18.95 21.43 9.53
CA GLN A 20 -19.25 20.41 8.50
C GLN A 20 -19.66 19.13 9.16
N GLY A 21 -20.06 18.13 8.38
CA GLY A 21 -20.18 16.79 8.92
C GLY A 21 -18.83 16.15 9.21
N SER A 22 -18.80 15.09 10.01
CA SER A 22 -17.55 14.34 10.23
C SER A 22 -17.13 13.57 8.98
N MET A 23 -18.10 13.16 8.16
CA MET A 23 -17.76 12.54 6.90
C MET A 23 -17.54 13.67 5.91
N ASN A 24 -16.47 13.56 5.14
CA ASN A 24 -16.09 14.60 4.22
C ASN A 24 -15.23 13.98 3.13
N ILE A 25 -14.79 14.83 2.22
CA ILE A 25 -14.00 14.35 1.10
C ILE A 25 -12.71 13.68 1.52
N PHE A 26 -12.05 14.18 2.56
CA PHE A 26 -10.84 13.52 3.04
C PHE A 26 -11.11 12.10 3.51
N GLU A 27 -12.14 11.93 4.33
CA GLU A 27 -12.49 10.61 4.83
C GLU A 27 -12.93 9.69 3.70
N MET A 28 -13.57 10.25 2.67
CA MET A 28 -13.99 9.51 1.51
C MET A 28 -12.75 8.97 0.76
N LEU A 29 -11.77 9.84 0.49
CA LEU A 29 -10.58 9.41 -0.22
C LEU A 29 -9.69 8.53 0.67
N ARG A 30 -9.76 8.69 1.99
CA ARG A 30 -9.06 7.78 2.88
C ARG A 30 -9.55 6.33 2.65
N ILE A 31 -10.84 6.16 2.40
CA ILE A 31 -11.44 4.85 2.12
C ILE A 31 -11.16 4.39 0.69
N ASP A 32 -11.19 5.34 -0.27
CA ASP A 32 -11.12 4.94 -1.69
C ASP A 32 -9.71 4.85 -2.23
N GLU A 33 -8.80 5.65 -1.71
CA GLU A 33 -7.41 5.71 -2.19
CA GLU A 33 -7.42 5.68 -2.20
C GLU A 33 -6.43 5.23 -1.12
N GLY A 34 -6.66 5.63 0.13
CA GLY A 34 -5.81 5.28 1.24
C GLY A 34 -4.97 6.46 1.69
N LEU A 35 -4.52 6.37 2.91
CA LEU A 35 -3.76 7.41 3.59
C LEU A 35 -2.40 6.85 4.02
N ARG A 36 -1.33 7.54 3.65
CA ARG A 36 0.02 7.16 4.05
C ARG A 36 0.61 8.27 4.89
N LEU A 37 1.14 7.92 6.05
CA LEU A 37 1.63 8.92 6.97
C LEU A 37 3.13 9.07 6.94
N LYS A 38 3.82 8.27 6.14
CA LYS A 38 5.27 8.36 5.95
C LYS A 38 5.54 8.58 4.47
N ILE A 39 6.57 9.35 4.16
CA ILE A 39 6.98 9.54 2.78
C ILE A 39 7.19 8.20 2.11
N TYR A 40 6.68 8.07 0.89
CA TYR A 40 6.89 6.86 0.10
C TYR A 40 7.04 7.25 -1.36
N LYS A 41 7.54 6.31 -2.15
CA LYS A 41 7.64 6.51 -3.58
C LYS A 41 6.40 5.97 -4.27
N ASP A 42 5.79 6.80 -5.09
CA ASP A 42 4.61 6.41 -5.85
C ASP A 42 5.00 5.53 -7.03
N THR A 43 4.05 5.35 -7.95
CA THR A 43 4.23 4.50 -9.11
C THR A 43 5.42 4.94 -9.95
N GLU A 44 5.48 6.23 -10.25
CA GLU A 44 6.54 6.77 -11.09
C GLU A 44 7.83 7.03 -10.31
N GLY A 45 7.87 6.56 -9.06
CA GLY A 45 9.08 6.64 -8.24
C GLY A 45 9.25 7.95 -7.48
N TYR A 46 8.19 8.76 -7.43
CA TYR A 46 8.26 10.09 -6.85
C TYR A 46 7.80 10.14 -5.39
N TYR A 47 8.51 10.90 -4.57
CA TYR A 47 8.18 11.06 -3.15
C TYR A 47 6.83 11.72 -2.95
N THR A 48 6.01 11.06 -2.14
CA THR A 48 4.58 11.34 -1.97
C THR A 48 4.26 11.10 -0.51
N ILE A 49 3.20 11.75 -0.01
CA ILE A 49 2.71 11.47 1.34
C ILE A 49 1.23 11.77 1.41
N GLY A 50 0.60 11.37 2.50
CA GLY A 50 -0.78 11.71 2.73
C GLY A 50 -1.68 10.91 1.80
N ILE A 51 -2.65 11.58 1.23
CA ILE A 51 -3.51 10.99 0.20
C ILE A 51 -3.00 11.50 -1.15
N GLY A 52 -2.01 10.81 -1.69
CA GLY A 52 -1.52 11.10 -3.02
C GLY A 52 -0.92 12.48 -3.20
N HIS A 53 -0.36 13.08 -2.15
CA HIS A 53 0.23 14.41 -2.25
C HIS A 53 1.69 14.34 -2.69
N LEU A 54 1.93 14.67 -3.94
CA LEU A 54 3.28 14.67 -4.48
C LEU A 54 4.12 15.75 -3.79
N LEU A 55 5.30 15.39 -3.30
CA LEU A 55 6.18 16.35 -2.64
C LEU A 55 7.20 16.99 -3.58
N THR A 56 7.74 16.19 -4.50
CA THR A 56 8.81 16.63 -5.39
C THR A 56 9.10 15.51 -6.37
N LYS A 57 9.69 15.87 -7.52
CA LYS A 57 10.15 14.88 -8.50
C LYS A 57 11.64 14.59 -8.28
N SER A 58 12.24 15.29 -7.33
CA SER A 58 13.66 15.10 -7.03
C SER A 58 13.93 13.67 -6.57
N PRO A 59 15.09 13.10 -6.95
CA PRO A 59 15.43 11.77 -6.42
C PRO A 59 15.89 11.80 -4.97
N SER A 60 16.06 13.02 -4.44
CA SER A 60 16.60 13.21 -3.10
C SER A 60 15.52 13.19 -2.02
N LEU A 61 15.62 12.22 -1.12
CA LEU A 61 14.67 12.14 -0.02
C LEU A 61 14.76 13.38 0.85
N ASN A 62 15.97 13.90 0.98
CA ASN A 62 16.16 15.10 1.76
C ASN A 62 15.40 16.29 1.18
N ALA A 63 15.35 16.38 -0.14
CA ALA A 63 14.59 17.41 -0.81
C ALA A 63 13.11 17.24 -0.48
N ALA A 64 12.62 16.01 -0.58
CA ALA A 64 11.22 15.71 -0.28
C ALA A 64 10.89 16.10 1.16
N LYS A 65 11.79 15.79 2.09
CA LYS A 65 11.59 16.13 3.50
C LYS A 65 11.59 17.62 3.73
N SER A 66 12.39 18.34 2.93
CA SER A 66 12.42 19.78 3.02
C SER A 66 11.10 20.37 2.60
N GLU A 67 10.55 19.87 1.49
CA GLU A 67 9.24 20.36 1.05
C GLU A 67 8.18 20.04 2.10
N LEU A 68 8.22 18.83 2.65
CA LEU A 68 7.23 18.43 3.64
C LEU A 68 7.34 19.28 4.92
N ASP A 69 8.57 19.50 5.40
CA ASP A 69 8.78 20.28 6.60
C ASP A 69 8.28 21.71 6.39
N LYS A 70 8.54 22.26 5.20
CA LYS A 70 8.03 23.56 4.80
C LYS A 70 6.51 23.61 4.91
N ALA A 71 5.83 22.59 4.39
CA ALA A 71 4.37 22.62 4.30
C ALA A 71 3.69 22.39 5.64
N ILE A 72 4.32 21.62 6.53
CA ILE A 72 3.68 21.27 7.80
C ILE A 72 4.05 22.27 8.90
N GLY A 73 5.23 22.87 8.79
CA GLY A 73 5.66 23.88 9.74
C GLY A 73 6.45 23.33 10.91
N ARG A 74 7.09 22.19 10.71
CA ARG A 74 7.89 21.57 11.77
C ARG A 74 8.84 20.53 11.18
N ASN A 75 9.73 20.02 12.02
CA ASN A 75 10.65 18.97 11.60
C ASN A 75 9.96 17.61 11.68
N THR A 76 9.44 17.16 10.54
CA THR A 76 8.61 15.97 10.49
C THR A 76 9.40 14.70 10.36
N ASN A 77 10.63 14.83 9.85
CA ASN A 77 11.43 13.67 9.55
C ASN A 77 10.69 12.69 8.63
N GLY A 78 9.79 13.22 7.81
CA GLY A 78 9.08 12.42 6.83
C GLY A 78 7.88 11.65 7.37
N VAL A 79 7.44 11.96 8.58
CA VAL A 79 6.28 11.31 9.18
C VAL A 79 5.32 12.37 9.64
N ILE A 80 4.05 12.22 9.27
CA ILE A 80 3.01 13.17 9.65
C ILE A 80 1.83 12.49 10.32
N THR A 81 0.98 13.30 10.94
CA THR A 81 -0.26 12.82 11.55
C THR A 81 -1.40 12.86 10.54
N LYS A 82 -2.46 12.16 10.86
CA LYS A 82 -3.64 12.19 10.03
C LYS A 82 -4.16 13.63 9.85
N ASP A 83 -4.23 14.43 10.91
CA ASP A 83 -4.69 15.81 10.76
C ASP A 83 -3.80 16.62 9.83
N GLU A 84 -2.49 16.43 9.91
CA GLU A 84 -1.60 17.11 8.99
C GLU A 84 -1.84 16.67 7.54
N ALA A 85 -2.09 15.38 7.34
CA ALA A 85 -2.41 14.90 6.01
C ALA A 85 -3.71 15.52 5.51
N GLU A 86 -4.69 15.73 6.40
CA GLU A 86 -5.93 16.35 6.00
C GLU A 86 -5.70 17.79 5.58
N LYS A 87 -4.85 18.51 6.28
CA LYS A 87 -4.55 19.86 5.87
C LYS A 87 -3.93 19.90 4.45
N LEU A 88 -2.98 19.02 4.17
CA LEU A 88 -2.38 18.96 2.84
C LEU A 88 -3.48 18.62 1.80
N PHE A 89 -4.30 17.64 2.12
CA PHE A 89 -5.35 17.21 1.20
C PHE A 89 -6.35 18.32 0.92
N ASN A 90 -6.73 19.07 1.94
CA ASN A 90 -7.69 20.15 1.74
C ASN A 90 -7.15 21.22 0.82
N GLN A 91 -5.85 21.49 0.84
CA GLN A 91 -5.23 22.39 -0.14
C GLN A 91 -5.41 21.84 -1.55
N ASP A 92 -5.18 20.54 -1.69
CA ASP A 92 -5.31 19.89 -2.98
C ASP A 92 -6.75 19.91 -3.47
N VAL A 93 -7.72 19.72 -2.58
CA VAL A 93 -9.12 19.80 -2.95
C VAL A 93 -9.44 21.21 -3.43
N ASP A 94 -8.97 22.23 -2.72
CA ASP A 94 -9.28 23.59 -3.14
C ASP A 94 -8.79 23.83 -4.57
N ALA A 95 -7.59 23.35 -4.89
CA ALA A 95 -7.07 23.49 -6.23
C ALA A 95 -7.91 22.71 -7.24
N ALA A 96 -8.34 21.50 -6.90
CA ALA A 96 -9.16 20.72 -7.81
C ALA A 96 -10.48 21.42 -8.06
N VAL A 97 -11.09 21.98 -7.03
CA VAL A 97 -12.33 22.72 -7.17
C VAL A 97 -12.15 23.97 -8.05
N ARG A 98 -11.06 24.70 -7.85
CA ARG A 98 -10.80 25.83 -8.74
C ARG A 98 -10.78 25.41 -10.20
N GLY A 99 -10.11 24.30 -10.48
CA GLY A 99 -10.08 23.78 -11.82
C GLY A 99 -11.45 23.42 -12.35
N ILE A 100 -12.23 22.71 -11.55
CA ILE A 100 -13.60 22.36 -11.94
C ILE A 100 -14.39 23.60 -12.28
N LEU A 101 -14.23 24.63 -11.49
CA LEU A 101 -15.01 25.86 -11.67
C LEU A 101 -14.59 26.65 -12.91
N ARG A 102 -13.42 26.41 -13.44
CA ARG A 102 -12.98 27.01 -14.72
C ARG A 102 -13.29 26.15 -15.91
N ASN A 103 -13.86 24.98 -15.68
CA ASN A 103 -14.08 24.01 -16.74
C ASN A 103 -15.52 24.13 -17.19
N ALA A 104 -15.71 24.56 -18.43
CA ALA A 104 -17.04 24.88 -18.90
C ALA A 104 -17.99 23.69 -18.88
N LYS A 105 -17.45 22.48 -18.99
CA LYS A 105 -18.25 21.27 -18.98
CA LYS A 105 -18.34 21.35 -18.96
C LYS A 105 -18.63 20.87 -17.55
N LEU A 106 -17.69 21.02 -16.64
CA LEU A 106 -17.88 20.52 -15.27
C LEU A 106 -18.52 21.50 -14.33
N LYS A 107 -18.30 22.78 -14.53
CA LYS A 107 -18.82 23.78 -13.62
C LYS A 107 -20.36 23.66 -13.46
N PRO A 108 -21.13 23.56 -14.55
CA PRO A 108 -22.59 23.57 -14.35
C PRO A 108 -23.06 22.38 -13.51
N VAL A 109 -22.43 21.24 -13.71
CA VAL A 109 -22.79 20.03 -12.97
CA VAL A 109 -22.87 20.07 -12.95
C VAL A 109 -22.43 20.22 -11.50
N TYR A 110 -21.19 20.63 -11.25
CA TYR A 110 -20.72 20.87 -9.88
C TYR A 110 -21.62 21.86 -9.15
N ASP A 111 -21.90 22.98 -9.79
CA ASP A 111 -22.73 24.01 -9.14
C ASP A 111 -24.10 23.46 -8.77
N SER A 112 -24.65 22.59 -9.62
CA SER A 112 -25.99 22.07 -9.40
C SER A 112 -26.10 21.04 -8.26
N LEU A 113 -24.99 20.42 -7.90
CA LEU A 113 -25.01 19.33 -6.94
C LEU A 113 -25.00 19.81 -5.48
N ASP A 114 -25.63 19.01 -4.63
CA ASP A 114 -25.50 19.14 -3.19
C ASP A 114 -24.10 18.79 -2.73
N ALA A 115 -23.79 19.10 -1.47
CA ALA A 115 -22.44 18.94 -0.95
C ALA A 115 -21.93 17.51 -1.03
N VAL A 116 -22.77 16.52 -0.73
CA VAL A 116 -22.31 15.13 -0.74
C VAL A 116 -22.01 14.69 -2.17
N ARG A 117 -22.89 15.01 -3.11
CA ARG A 117 -22.63 14.65 -4.49
C ARG A 117 -21.48 15.44 -5.08
N ARG A 118 -21.23 16.67 -4.63
CA ARG A 118 -20.03 17.39 -5.06
C ARG A 118 -18.79 16.61 -4.65
N ALA A 119 -18.79 16.02 -3.46
CA ALA A 119 -17.65 15.23 -3.02
C ALA A 119 -17.43 14.04 -3.96
N ALA A 120 -18.52 13.39 -4.38
CA ALA A 120 -18.41 12.29 -5.36
C ALA A 120 -17.78 12.76 -6.67
N LEU A 121 -18.17 13.95 -7.16
CA LEU A 121 -17.58 14.47 -8.41
C LEU A 121 -16.10 14.77 -8.20
N ILE A 122 -15.73 15.37 -7.06
CA ILE A 122 -14.33 15.67 -6.78
C ILE A 122 -13.52 14.35 -6.72
N ASN A 123 -14.11 13.32 -6.12
CA ASN A 123 -13.47 11.99 -6.05
C ASN A 123 -13.14 11.53 -7.46
N MET A 124 -14.10 11.62 -8.37
CA MET A 124 -13.84 11.25 -9.76
C MET A 124 -12.69 12.07 -10.37
N VAL A 125 -12.67 13.37 -10.14
CA VAL A 125 -11.61 14.20 -10.69
C VAL A 125 -10.25 13.80 -10.14
N PHE A 126 -10.16 13.46 -8.86
CA PHE A 126 -8.91 12.99 -8.30
C PHE A 126 -8.46 11.69 -8.98
N GLN A 127 -9.41 10.80 -9.27
CA GLN A 127 -9.05 9.53 -9.86
C GLN A 127 -8.64 9.66 -11.32
N MET A 128 -9.37 10.45 -12.10
CA MET A 128 -9.36 10.42 -13.57
CA MET A 128 -9.17 10.37 -13.54
C MET A 128 -8.93 11.71 -14.23
N GLY A 129 -8.90 12.81 -13.48
CA GLY A 129 -8.67 14.15 -14.05
C GLY A 129 -9.89 14.78 -14.70
N GLU A 130 -9.81 16.07 -14.99
CA GLU A 130 -10.93 16.74 -15.60
C GLU A 130 -11.34 16.19 -16.95
N THR A 131 -10.37 15.88 -17.81
CA THR A 131 -10.72 15.38 -19.14
C THR A 131 -11.46 14.07 -19.04
N GLY A 132 -11.00 13.20 -18.14
CA GLY A 132 -11.64 11.94 -17.95
C GLY A 132 -13.07 12.11 -17.48
N VAL A 133 -13.29 12.94 -16.47
CA VAL A 133 -14.63 13.13 -15.98
C VAL A 133 -15.53 13.81 -17.01
N ALA A 134 -15.00 14.80 -17.71
CA ALA A 134 -15.78 15.55 -18.71
C ALA A 134 -16.30 14.68 -19.86
N GLY A 135 -15.66 13.53 -20.08
CA GLY A 135 -16.07 12.62 -21.13
C GLY A 135 -17.38 11.92 -20.86
N PHE A 136 -17.84 11.94 -19.60
CA PHE A 136 -19.08 11.29 -19.22
C PHE A 136 -20.27 12.19 -19.54
N THR A 137 -20.40 12.60 -20.81
CA THR A 137 -21.35 13.65 -21.15
C THR A 137 -22.77 13.35 -20.71
N ASN A 138 -23.27 12.18 -21.07
CA ASN A 138 -24.66 11.85 -20.76
C ASN A 138 -24.87 11.69 -19.26
N SER A 139 -23.94 11.06 -18.57
CA SER A 139 -24.13 10.84 -17.13
C SER A 139 -24.09 12.17 -16.37
N LEU A 140 -23.22 13.10 -16.81
CA LEU A 140 -23.17 14.41 -16.21
C LEU A 140 -24.49 15.17 -16.37
N ARG A 141 -25.07 15.10 -17.56
CA ARG A 141 -26.36 15.69 -17.81
C ARG A 141 -27.42 15.08 -16.92
N MET A 142 -27.41 13.75 -16.76
CA MET A 142 -28.36 13.10 -15.87
C MET A 142 -28.21 13.62 -14.45
N LEU A 143 -26.97 13.78 -13.98
CA LEU A 143 -26.76 14.30 -12.63
C LEU A 143 -27.31 15.73 -12.51
N GLN A 144 -27.05 16.56 -13.51
CA GLN A 144 -27.56 17.93 -13.48
C GLN A 144 -29.09 17.98 -13.43
N GLN A 145 -29.73 17.01 -14.08
CA GLN A 145 -31.18 16.87 -14.09
C GLN A 145 -31.76 16.08 -12.91
N LYS A 146 -30.89 15.65 -11.99
CA LYS A 146 -31.28 14.90 -10.80
C LYS A 146 -31.90 13.53 -11.13
N ARG A 147 -31.47 12.99 -12.26
CA ARG A 147 -31.86 11.65 -12.70
C ARG A 147 -30.86 10.65 -12.14
N TRP A 148 -30.93 10.48 -10.83
CA TRP A 148 -29.87 9.80 -10.10
C TRP A 148 -29.76 8.32 -10.46
N ASP A 149 -30.90 7.63 -10.53
CA ASP A 149 -30.84 6.20 -10.79
C ASP A 149 -30.30 5.96 -12.19
N GLU A 150 -30.72 6.79 -13.15
CA GLU A 150 -30.23 6.63 -14.52
C GLU A 150 -28.74 6.94 -14.62
N ALA A 151 -28.29 7.98 -13.92
CA ALA A 151 -26.86 8.28 -13.89
C ALA A 151 -26.10 7.09 -13.36
N ALA A 152 -26.60 6.48 -12.28
CA ALA A 152 -25.92 5.36 -11.65
C ALA A 152 -25.80 4.17 -12.60
N VAL A 153 -26.89 3.85 -13.28
CA VAL A 153 -26.90 2.77 -14.24
C VAL A 153 -25.88 3.03 -15.36
N ASN A 154 -25.86 4.27 -15.84
CA ASN A 154 -24.97 4.58 -16.91
C ASN A 154 -23.50 4.54 -16.51
N LEU A 155 -23.19 5.06 -15.33
CA LEU A 155 -21.81 5.05 -14.85
C LEU A 155 -21.29 3.62 -14.65
N ALA A 156 -22.16 2.70 -14.29
CA ALA A 156 -21.74 1.32 -14.03
C ALA A 156 -21.32 0.59 -15.32
N LYS A 157 -21.68 1.12 -16.48
CA LYS A 157 -21.31 0.52 -17.77
C LYS A 157 -19.91 0.90 -18.24
N SER A 158 -19.26 1.79 -17.52
CA SER A 158 -18.02 2.39 -17.99
C SER A 158 -16.76 1.60 -17.65
N ARG A 159 -15.70 1.93 -18.37
CA ARG A 159 -14.38 1.44 -18.06
C ARG A 159 -13.95 1.79 -16.63
N TRP A 160 -14.31 2.98 -16.17
CA TRP A 160 -14.08 3.37 -14.77
C TRP A 160 -14.54 2.30 -13.79
N TYR A 161 -15.75 1.78 -14.00
CA TYR A 161 -16.29 0.73 -13.14
C TYR A 161 -15.40 -0.53 -13.20
N ASN A 162 -15.01 -0.92 -14.41
CA ASN A 162 -14.14 -2.07 -14.58
C ASN A 162 -12.77 -1.90 -13.92
N GLN A 163 -12.22 -0.69 -13.94
CA GLN A 163 -10.88 -0.45 -13.41
C GLN A 163 -10.85 -0.54 -11.88
N THR A 164 -11.85 0.01 -11.20
CA THR A 164 -11.87 0.09 -9.77
C THR A 164 -13.29 -0.20 -9.28
N PRO A 165 -13.77 -1.44 -9.41
CA PRO A 165 -15.22 -1.65 -9.24
C PRO A 165 -15.72 -1.30 -7.85
N ASN A 166 -14.94 -1.57 -6.82
CA ASN A 166 -15.43 -1.33 -5.45
C ASN A 166 -15.47 0.16 -5.11
N ARG A 167 -14.43 0.90 -5.46
CA ARG A 167 -14.46 2.36 -5.33
C ARG A 167 -15.58 2.95 -6.17
N THR A 168 -15.64 2.54 -7.44
CA THR A 168 -16.63 3.10 -8.33
C THR A 168 -18.03 2.83 -7.84
N LYS A 169 -18.30 1.62 -7.35
CA LYS A 169 -19.62 1.34 -6.79
C LYS A 169 -19.96 2.30 -5.65
N ARG A 170 -19.00 2.58 -4.77
CA ARG A 170 -19.27 3.51 -3.66
C ARG A 170 -19.56 4.92 -4.15
N VAL A 171 -18.77 5.40 -5.13
CA VAL A 171 -19.00 6.73 -5.68
C VAL A 171 -20.37 6.79 -6.36
N ILE A 172 -20.70 5.76 -7.14
CA ILE A 172 -22.00 5.70 -7.78
C ILE A 172 -23.15 5.70 -6.75
N THR A 173 -23.01 4.93 -5.67
CA THR A 173 -24.03 4.92 -4.61
C THR A 173 -24.21 6.31 -4.03
N THR A 174 -23.12 7.04 -3.93
CA THR A 174 -23.16 8.39 -3.40
C THR A 174 -23.94 9.30 -4.34
N PHE A 175 -23.70 9.19 -5.64
CA PHE A 175 -24.54 9.91 -6.61
C PHE A 175 -26.01 9.45 -6.56
N ARG A 176 -26.25 8.16 -6.40
CA ARG A 176 -27.61 7.65 -6.42
C ARG A 176 -28.41 8.19 -5.22
N THR A 177 -27.78 8.22 -4.05
CA THR A 177 -28.50 8.49 -2.80
C THR A 177 -28.30 9.88 -2.21
N GLY A 178 -27.17 10.51 -2.52
CA GLY A 178 -26.84 11.77 -1.86
C GLY A 178 -26.51 11.62 -0.39
N THR A 179 -26.15 10.40 0.00
CA THR A 179 -25.78 10.09 1.39
C THR A 179 -24.40 9.49 1.41
N TRP A 180 -23.86 9.35 2.62
CA TRP A 180 -22.60 8.69 2.85
C TRP A 180 -22.76 7.20 3.14
N ASP A 181 -23.92 6.63 2.86
CA ASP A 181 -24.18 5.23 3.22
C ASP A 181 -23.12 4.26 2.75
N ALA A 182 -22.61 4.40 1.52
CA ALA A 182 -21.65 3.45 1.02
C ALA A 182 -20.39 3.42 1.86
N TYR A 183 -19.99 4.59 2.38
CA TYR A 183 -18.79 4.74 3.17
C TYR A 183 -19.02 4.24 4.60
N LYS A 184 -20.17 4.54 5.17
CA LYS A 184 -20.51 3.96 6.48
C LYS A 184 -20.51 2.44 6.40
N ASN A 185 -21.09 1.91 5.33
CA ASN A 185 -21.16 0.46 5.18
C ASN A 185 -19.79 -0.15 5.01
N LEU A 186 -18.93 0.48 4.21
CA LEU A 186 -17.57 -0.02 4.03
C LEU A 186 -16.84 -0.04 5.35
N ARG A 187 -16.90 1.05 6.09
CA ARG A 187 -16.19 1.15 7.34
C ARG A 187 -16.66 0.03 8.28
N LYS A 188 -17.97 -0.18 8.35
CA LYS A 188 -18.50 -1.18 9.25
C LYS A 188 -18.05 -2.60 8.86
N LYS A 189 -18.06 -2.87 7.57
CA LYS A 189 -17.63 -4.16 7.05
C LYS A 189 -16.18 -4.43 7.42
N LEU A 190 -15.31 -3.45 7.25
CA LEU A 190 -13.92 -3.65 7.62
C LEU A 190 -13.73 -3.78 9.13
N GLU A 191 -14.47 -3.01 9.91
CA GLU A 191 -14.38 -3.13 11.36
C GLU A 191 -14.84 -4.51 11.80
N GLN A 192 -15.95 -5.00 11.26
CA GLN A 192 -16.46 -6.28 11.68
C GLN A 192 -15.52 -7.41 11.27
N LEU A 193 -14.91 -7.29 10.09
CA LEU A 193 -13.95 -8.27 9.67
C LEU A 193 -12.68 -8.25 10.54
N TYR A 194 -12.14 -7.06 10.79
CA TYR A 194 -11.01 -6.92 11.69
C TYR A 194 -11.30 -7.54 13.05
N ASN A 195 -12.50 -7.32 13.56
CA ASN A 195 -12.85 -7.84 14.87
C ASN A 195 -12.81 -9.35 14.97
N ARG A 196 -12.96 -10.05 13.87
CA ARG A 196 -12.81 -11.51 13.85
C ARG A 196 -11.39 -11.96 14.21
N TYR A 197 -10.41 -11.11 13.90
CA TYR A 197 -8.99 -11.47 14.03
C TYR A 197 -8.29 -10.80 15.20
N LYS A 198 -8.83 -9.70 15.70
CA LYS A 198 -8.08 -8.89 16.66
CA LYS A 198 -8.08 -8.89 16.65
C LYS A 198 -7.77 -9.67 17.93
N ASP A 199 -6.68 -9.26 18.58
CA ASP A 199 -6.27 -9.78 19.86
C ASP A 199 -7.32 -9.35 20.90
N PRO A 200 -7.95 -10.31 21.60
CA PRO A 200 -8.95 -9.90 22.60
C PRO A 200 -8.38 -9.02 23.71
N GLN A 201 -7.05 -9.04 23.92
CA GLN A 201 -6.42 -8.24 24.96
C GLN A 201 -5.78 -6.94 24.44
N ASP A 202 -5.82 -6.74 23.12
CA ASP A 202 -5.24 -5.55 22.51
C ASP A 202 -5.95 -5.27 21.19
N GLU A 203 -6.99 -4.44 21.24
CA GLU A 203 -7.77 -4.20 20.04
C GLU A 203 -6.92 -3.56 18.92
N ASN A 204 -5.73 -3.04 19.23
CA ASN A 204 -4.86 -2.40 18.23
C ASN A 204 -4.11 -3.37 17.32
N LYS A 205 -4.18 -4.66 17.60
CA LYS A 205 -3.51 -5.60 16.71
C LYS A 205 -4.22 -6.94 16.68
N ILE A 206 -3.84 -7.68 15.64
CA ILE A 206 -4.11 -9.09 15.47
C ILE A 206 -2.84 -9.83 15.93
N GLY A 207 -3.01 -10.75 16.87
CA GLY A 207 -1.90 -11.53 17.37
C GLY A 207 -1.72 -12.84 16.61
N ILE A 208 -0.90 -13.71 17.16
CA ILE A 208 -0.59 -14.98 16.51
C ILE A 208 -1.87 -15.78 16.23
N ASP A 209 -2.77 -15.86 17.20
CA ASP A 209 -4.01 -16.62 17.02
C ASP A 209 -4.83 -16.07 15.84
N GLY A 210 -4.91 -14.76 15.76
CA GLY A 210 -5.69 -14.12 14.70
C GLY A 210 -5.01 -14.28 13.36
N ILE A 211 -3.69 -14.25 13.31
CA ILE A 211 -2.97 -14.50 12.07
C ILE A 211 -3.26 -15.92 11.60
N GLN A 212 -3.24 -16.88 12.51
CA GLN A 212 -3.57 -18.25 12.15
C GLN A 212 -4.99 -18.33 11.58
N GLN A 213 -5.93 -17.65 12.24
CA GLN A 213 -7.32 -17.66 11.74
C GLN A 213 -7.46 -17.04 10.35
N PHE A 214 -6.76 -15.93 10.14
CA PHE A 214 -6.74 -15.26 8.83
C PHE A 214 -6.22 -16.23 7.74
N CYS A 215 -5.10 -16.91 8.04
CA CYS A 215 -4.55 -17.90 7.11
C CYS A 215 -5.55 -19.03 6.88
N ASP A 216 -6.17 -19.52 7.95
CA ASP A 216 -7.15 -20.59 7.82
C ASP A 216 -8.31 -20.12 6.92
N ASP A 217 -8.79 -18.90 7.12
CA ASP A 217 -9.91 -18.39 6.33
C ASP A 217 -9.53 -18.27 4.84
N LEU A 218 -8.26 -17.98 4.57
CA LEU A 218 -7.71 -17.90 3.23
C LEU A 218 -7.25 -19.27 2.69
N ALA A 219 -7.43 -20.33 3.47
CA ALA A 219 -7.01 -21.68 3.08
C ALA A 219 -5.51 -21.74 2.69
N LEU A 220 -4.68 -21.07 3.48
CA LEU A 220 -3.23 -21.06 3.27
C LEU A 220 -2.50 -21.54 4.50
N ASP A 221 -1.39 -22.23 4.27
CA ASP A 221 -0.47 -22.64 5.33
C ASP A 221 0.32 -21.41 5.80
N PRO A 222 0.34 -21.12 7.11
CA PRO A 222 1.08 -19.93 7.58
C PRO A 222 2.57 -19.92 7.25
N ALA A 223 3.10 -21.09 6.90
CA ALA A 223 4.51 -21.18 6.54
C ALA A 223 4.72 -21.09 5.03
N SER A 224 3.66 -20.82 4.25
CA SER A 224 3.76 -20.77 2.80
C SER A 224 4.34 -19.44 2.35
N ILE A 225 4.92 -19.45 1.17
CA ILE A 225 5.42 -18.22 0.61
C ILE A 225 4.24 -17.27 0.32
N SER A 226 3.05 -17.79 0.04
CA SER A 226 1.92 -16.89 -0.22
C SER A 226 1.60 -16.01 0.97
N VAL A 227 1.74 -16.54 2.18
CA VAL A 227 1.45 -15.76 3.36
C VAL A 227 2.50 -14.64 3.56
N LEU A 228 3.76 -14.92 3.26
CA LEU A 228 4.77 -13.88 3.26
C LEU A 228 4.50 -12.80 2.20
N ILE A 229 4.03 -13.22 1.03
CA ILE A 229 3.66 -12.30 -0.03
C ILE A 229 2.53 -11.39 0.44
N ILE A 230 1.55 -11.95 1.14
CA ILE A 230 0.48 -11.14 1.68
C ILE A 230 1.04 -10.11 2.69
N ALA A 231 1.92 -10.54 3.59
CA ALA A 231 2.52 -9.61 4.55
C ALA A 231 3.27 -8.48 3.84
N TRP A 232 3.99 -8.82 2.77
CA TRP A 232 4.67 -7.82 1.96
C TRP A 232 3.70 -6.80 1.36
N LYS A 233 2.59 -7.26 0.80
CA LYS A 233 1.62 -6.35 0.24
C LYS A 233 0.95 -5.48 1.30
N PHE A 234 0.76 -6.01 2.50
CA PHE A 234 0.26 -5.26 3.64
C PHE A 234 1.37 -4.43 4.33
N ARG A 235 2.58 -4.46 3.79
CA ARG A 235 3.71 -3.71 4.34
C ARG A 235 3.84 -3.95 5.85
N ALA A 236 3.65 -5.19 6.28
CA ALA A 236 3.67 -5.48 7.69
C ALA A 236 5.01 -5.24 8.34
N ALA A 237 5.01 -4.67 9.55
CA ALA A 237 6.25 -4.36 10.21
C ALA A 237 6.97 -5.58 10.77
N THR A 238 6.21 -6.55 11.27
CA THR A 238 6.80 -7.64 12.01
C THR A 238 5.96 -8.88 11.93
N GLN A 239 6.63 -10.02 11.94
CA GLN A 239 5.92 -11.27 11.77
C GLN A 239 5.06 -11.62 12.97
N CYS A 240 5.31 -11.04 14.13
CA CYS A 240 4.61 -11.46 15.32
C CYS A 240 3.26 -10.80 15.57
N GLU A 241 2.90 -9.79 14.79
CA GLU A 241 1.59 -9.18 14.96
C GLU A 241 1.19 -8.52 13.65
N PHE A 242 -0.07 -8.14 13.53
CA PHE A 242 -0.64 -7.54 12.30
C PHE A 242 -1.48 -6.38 12.85
N SER A 243 -0.98 -5.15 12.71
CA SER A 243 -1.66 -4.05 13.39
C SER A 243 -2.97 -3.70 12.71
N LYS A 244 -3.85 -3.04 13.46
CA LYS A 244 -5.10 -2.56 12.88
C LYS A 244 -4.84 -1.65 11.70
N GLN A 245 -3.87 -0.75 11.82
CA GLN A 245 -3.52 0.15 10.74
C GLN A 245 -3.05 -0.62 9.50
N GLU A 246 -2.20 -1.63 9.71
CA GLU A 246 -1.75 -2.44 8.57
C GLU A 246 -2.94 -3.12 7.88
N PHE A 247 -3.83 -3.72 8.67
CA PHE A 247 -4.97 -4.43 8.14
C PHE A 247 -5.85 -3.48 7.32
N MET A 248 -6.19 -2.33 7.90
CA MET A 248 -7.05 -1.37 7.21
C MET A 248 -6.38 -0.78 5.97
N ASP A 249 -5.10 -0.42 6.07
CA ASP A 249 -4.42 0.18 4.92
C ASP A 249 -4.30 -0.84 3.80
N GLY A 250 -4.00 -2.07 4.15
CA GLY A 250 -3.80 -3.08 3.13
C GLY A 250 -5.10 -3.44 2.45
N MET A 251 -6.18 -3.66 3.20
CA MET A 251 -7.46 -3.93 2.57
C MET A 251 -7.88 -2.77 1.64
N THR A 252 -7.58 -1.54 2.06
CA THR A 252 -7.85 -0.36 1.24
C THR A 252 -7.03 -0.36 -0.04
N GLU A 253 -5.71 -0.55 0.09
CA GLU A 253 -4.84 -0.51 -1.07
C GLU A 253 -5.14 -1.62 -2.06
N LEU A 254 -5.59 -2.77 -1.54
CA LEU A 254 -5.87 -3.93 -2.36
C LEU A 254 -7.30 -3.92 -2.88
N GLY A 255 -8.09 -2.93 -2.47
CA GLY A 255 -9.46 -2.80 -2.97
C GLY A 255 -10.40 -3.91 -2.52
N CYS A 256 -10.18 -4.40 -1.30
CA CYS A 256 -10.93 -5.54 -0.78
C CYS A 256 -11.68 -5.20 0.49
N ASP A 257 -12.94 -5.61 0.56
CA ASP A 257 -13.73 -5.43 1.77
C ASP A 257 -14.25 -6.77 2.31
N SER A 258 -13.69 -7.87 1.84
CA SER A 258 -14.10 -9.20 2.26
C SER A 258 -12.95 -10.17 2.08
N ILE A 259 -13.04 -11.30 2.77
CA ILE A 259 -12.05 -12.38 2.60
C ILE A 259 -12.11 -12.97 1.19
N GLU A 260 -13.31 -13.12 0.63
CA GLU A 260 -13.40 -13.67 -0.73
C GLU A 260 -12.66 -12.77 -1.70
N LYS A 261 -12.80 -11.46 -1.55
CA LYS A 261 -12.09 -10.56 -2.46
C LYS A 261 -10.60 -10.64 -2.24
N LEU A 262 -10.16 -10.68 -0.98
CA LEU A 262 -8.73 -10.80 -0.73
C LEU A 262 -8.18 -12.10 -1.33
N LYS A 263 -8.90 -13.21 -1.15
CA LYS A 263 -8.48 -14.49 -1.74
C LYS A 263 -8.27 -14.37 -3.25
N ALA A 264 -9.19 -13.70 -3.93
CA ALA A 264 -9.09 -13.54 -5.37
C ALA A 264 -7.92 -12.65 -5.77
N GLN A 265 -7.46 -11.80 -4.87
CA GLN A 265 -6.35 -10.89 -5.12
CA GLN A 265 -6.35 -10.91 -5.16
C GLN A 265 -4.99 -11.57 -4.96
N ILE A 266 -4.92 -12.65 -4.18
CA ILE A 266 -3.63 -13.25 -3.89
C ILE A 266 -2.83 -13.65 -5.14
N PRO A 267 -3.44 -14.28 -6.14
CA PRO A 267 -2.63 -14.62 -7.33
C PRO A 267 -2.09 -13.40 -8.05
N LYS A 268 -2.81 -12.28 -7.95
CA LYS A 268 -2.36 -11.05 -8.58
C LYS A 268 -1.14 -10.50 -7.84
N MET A 269 -1.15 -10.64 -6.51
CA MET A 269 0.02 -10.26 -5.70
C MET A 269 1.22 -11.09 -6.09
N GLU A 270 1.00 -12.39 -6.22
CA GLU A 270 2.08 -13.27 -6.60
C GLU A 270 2.67 -12.89 -7.95
N GLN A 271 1.83 -12.57 -8.93
CA GLN A 271 2.31 -12.17 -10.25
C GLN A 271 3.19 -10.93 -10.26
N GLU A 272 2.96 -10.03 -9.30
CA GLU A 272 3.73 -8.79 -9.22
CA GLU A 272 3.74 -8.80 -9.21
C GLU A 272 5.22 -9.10 -9.04
N LEU A 273 5.56 -10.24 -8.44
CA LEU A 273 6.95 -10.58 -8.24
C LEU A 273 7.72 -10.76 -9.53
N LYS A 274 7.02 -10.83 -10.66
CA LYS A 274 7.67 -10.95 -11.96
C LYS A 274 7.99 -9.59 -12.61
N GLU A 275 7.47 -8.51 -12.02
CA GLU A 275 7.69 -7.18 -12.59
C GLU A 275 9.04 -6.61 -12.14
N PRO A 276 9.60 -5.63 -12.88
CA PRO A 276 10.97 -5.16 -12.59
C PRO A 276 11.16 -4.69 -11.15
N GLY A 277 12.17 -5.26 -10.50
CA GLY A 277 12.57 -4.90 -9.15
C GLY A 277 11.69 -5.42 -8.01
N ARG A 278 10.56 -6.05 -8.33
CA ARG A 278 9.60 -6.38 -7.27
C ARG A 278 10.04 -7.57 -6.43
N PHE A 279 10.65 -8.59 -7.03
CA PHE A 279 11.19 -9.66 -6.20
C PHE A 279 12.26 -9.13 -5.24
N LYS A 280 13.12 -8.24 -5.71
CA LYS A 280 14.14 -7.66 -4.85
C LYS A 280 13.47 -6.91 -3.70
N ASP A 281 12.41 -6.14 -3.98
CA ASP A 281 11.72 -5.42 -2.94
C ASP A 281 11.15 -6.39 -1.88
N PHE A 282 10.51 -7.45 -2.34
CA PHE A 282 9.96 -8.50 -1.48
C PHE A 282 11.05 -9.18 -0.66
N TYR A 283 12.15 -9.54 -1.30
CA TYR A 283 13.27 -10.18 -0.63
C TYR A 283 13.83 -9.28 0.47
N GLN A 284 14.01 -8.00 0.18
CA GLN A 284 14.54 -7.07 1.18
C GLN A 284 13.56 -6.83 2.32
N PHE A 285 12.27 -6.75 1.99
CA PHE A 285 11.21 -6.62 2.98
C PHE A 285 11.29 -7.73 4.00
N THR A 286 11.59 -8.94 3.56
CA THR A 286 11.55 -10.13 4.40
C THR A 286 12.46 -9.95 5.61
N PHE A 287 13.64 -9.35 5.43
CA PHE A 287 14.57 -9.19 6.55
C PHE A 287 13.94 -8.42 7.71
N ASN A 288 13.40 -7.25 7.41
CA ASN A 288 12.84 -6.43 8.48
C ASN A 288 11.64 -7.08 9.11
N PHE A 289 10.82 -7.75 8.31
CA PHE A 289 9.62 -8.40 8.78
C PHE A 289 9.97 -9.55 9.72
N ALA A 290 11.03 -10.29 9.40
CA ALA A 290 11.38 -11.49 10.13
C ALA A 290 12.06 -11.20 11.45
N LYS A 291 12.83 -10.11 11.51
CA LYS A 291 13.73 -9.84 12.63
C LYS A 291 12.94 -9.40 13.85
N ASN A 292 13.47 -9.70 15.03
CA ASN A 292 12.96 -9.14 16.27
C ASN A 292 13.06 -7.62 16.19
N PRO A 293 11.95 -6.90 16.45
CA PRO A 293 12.01 -5.43 16.43
C PRO A 293 13.07 -4.83 17.36
N GLY A 294 13.37 -5.49 18.47
CA GLY A 294 14.34 -4.97 19.41
C GLY A 294 15.78 -5.21 19.02
N GLN A 295 16.02 -5.94 17.93
CA GLN A 295 17.37 -6.25 17.49
C GLN A 295 17.67 -5.55 16.18
N LYS A 296 18.96 -5.29 15.94
CA LYS A 296 19.36 -4.66 14.69
C LYS A 296 19.55 -5.72 13.58
N GLY A 297 20.00 -6.92 13.96
CA GLY A 297 20.24 -8.01 13.04
C GLY A 297 19.26 -9.17 13.19
N LEU A 298 19.35 -10.12 12.27
CA LEU A 298 18.42 -11.24 12.20
C LEU A 298 19.15 -12.48 12.71
N ASP A 299 18.56 -13.12 13.71
CA ASP A 299 19.13 -14.36 14.26
C ASP A 299 19.35 -15.35 13.11
N LEU A 300 20.49 -16.02 13.16
CA LEU A 300 20.89 -16.90 12.08
C LEU A 300 19.83 -17.95 11.77
N GLU A 301 19.27 -18.56 12.80
CA GLU A 301 18.28 -19.61 12.56
C GLU A 301 17.04 -19.09 11.84
N MET A 302 16.59 -17.89 12.19
CA MET A 302 15.46 -17.29 11.52
C MET A 302 15.83 -16.90 10.09
N ALA A 303 17.04 -16.38 9.90
CA ALA A 303 17.53 -16.04 8.56
C ALA A 303 17.51 -17.30 7.68
N ILE A 304 18.03 -18.41 8.19
CA ILE A 304 18.04 -19.67 7.43
C ILE A 304 16.64 -20.09 7.03
N ALA A 305 15.70 -20.02 7.98
CA ALA A 305 14.32 -20.41 7.69
C ALA A 305 13.71 -19.55 6.57
N TYR A 306 13.89 -18.24 6.64
CA TYR A 306 13.34 -17.39 5.62
C TYR A 306 14.11 -17.49 4.30
N TRP A 307 15.44 -17.65 4.33
CA TRP A 307 16.17 -17.91 3.09
C TRP A 307 15.61 -19.14 2.40
N ASN A 308 15.34 -20.20 3.17
CA ASN A 308 14.83 -21.42 2.56
C ASN A 308 13.44 -21.25 1.97
N LEU A 309 12.64 -20.37 2.56
CA LEU A 309 11.32 -20.10 2.02
C LEU A 309 11.40 -19.28 0.71
N VAL A 310 12.20 -18.22 0.73
CA VAL A 310 12.19 -17.26 -0.38
C VAL A 310 13.17 -17.56 -1.49
N LEU A 311 14.23 -18.31 -1.21
CA LEU A 311 15.25 -18.58 -2.23
C LEU A 311 15.23 -20.00 -2.81
N ASN A 312 14.39 -20.89 -2.27
CA ASN A 312 14.38 -22.25 -2.79
C ASN A 312 13.94 -22.24 -4.24
N GLY A 313 14.76 -22.84 -5.11
CA GLY A 313 14.50 -22.82 -6.53
C GLY A 313 14.96 -21.58 -7.26
N ARG A 314 15.51 -20.62 -6.53
CA ARG A 314 16.04 -19.40 -7.14
C ARG A 314 17.55 -19.30 -6.97
N PHE A 315 18.05 -19.69 -5.81
CA PHE A 315 19.47 -19.65 -5.50
C PHE A 315 20.02 -21.05 -5.67
N LYS A 316 20.82 -21.23 -6.72
CA LYS A 316 21.28 -22.56 -7.10
C LYS A 316 22.20 -23.20 -6.07
N PHE A 317 22.75 -22.42 -5.15
CA PHE A 317 23.63 -22.93 -4.12
C PHE A 317 22.96 -22.99 -2.74
N LEU A 318 21.63 -22.96 -2.69
CA LEU A 318 20.94 -22.92 -1.40
C LEU A 318 21.26 -24.09 -0.50
N ASP A 319 21.28 -25.29 -1.05
CA ASP A 319 21.57 -26.44 -0.18
C ASP A 319 22.98 -26.35 0.42
N LEU A 320 23.96 -25.96 -0.39
CA LEU A 320 25.33 -25.76 0.09
C LEU A 320 25.44 -24.62 1.10
N TRP A 321 24.64 -23.57 0.91
CA TRP A 321 24.57 -22.46 1.85
C TRP A 321 24.07 -22.96 3.20
N ASN A 322 23.04 -23.82 3.21
CA ASN A 322 22.59 -24.41 4.45
C ASN A 322 23.69 -25.22 5.12
N LYS A 323 24.38 -26.06 4.36
CA LYS A 323 25.46 -26.88 4.92
C LYS A 323 26.52 -25.97 5.56
N PHE A 324 26.92 -24.95 4.83
CA PHE A 324 27.92 -23.99 5.31
C PHE A 324 27.50 -23.36 6.62
N LEU A 325 26.25 -22.89 6.70
CA LEU A 325 25.81 -22.17 7.88
C LEU A 325 25.59 -23.06 9.09
N LEU A 326 25.27 -24.32 8.86
CA LEU A 326 25.01 -25.20 9.99
C LEU A 326 26.29 -25.48 10.76
N GLU A 327 27.42 -25.37 10.08
CA GLU A 327 28.73 -25.44 10.72
C GLU A 327 29.04 -24.15 11.48
N HIS A 328 28.48 -23.05 11.00
CA HIS A 328 28.85 -21.73 11.48
C HIS A 328 28.45 -21.47 12.91
N HIS A 329 29.17 -20.55 13.55
CA HIS A 329 28.81 -20.07 14.87
C HIS A 329 27.84 -18.90 14.74
N LYS A 330 28.09 -18.05 13.74
CA LYS A 330 27.52 -16.70 13.64
C LYS A 330 26.13 -16.59 14.24
N ARG A 331 25.97 -15.67 15.19
CA ARG A 331 24.72 -15.53 15.91
C ARG A 331 23.66 -14.89 15.03
N SER A 332 24.08 -13.94 14.20
CA SER A 332 23.11 -13.19 13.41
C SER A 332 23.63 -12.58 12.13
N ILE A 333 22.67 -12.11 11.34
CA ILE A 333 22.88 -11.62 9.99
C ILE A 333 22.49 -10.13 9.94
N PRO A 334 23.44 -9.23 9.55
CA PRO A 334 23.05 -7.82 9.37
C PRO A 334 22.31 -7.59 8.06
N LYS A 335 21.59 -6.48 7.95
CA LYS A 335 20.80 -6.19 6.76
C LYS A 335 21.62 -6.21 5.48
N ASP A 336 22.81 -5.64 5.49
CA ASP A 336 23.60 -5.58 4.28
C ASP A 336 23.99 -6.98 3.77
N THR A 337 24.28 -7.89 4.70
CA THR A 337 24.60 -9.26 4.31
C THR A 337 23.41 -9.95 3.72
N TRP A 338 22.24 -9.80 4.35
CA TRP A 338 21.01 -10.33 3.79
C TRP A 338 20.82 -9.79 2.36
N ASN A 339 20.90 -8.48 2.19
CA ASN A 339 20.63 -7.91 0.88
C ASN A 339 21.60 -8.43 -0.16
N LEU A 340 22.88 -8.49 0.16
CA LEU A 340 23.86 -8.85 -0.83
C LEU A 340 23.81 -10.32 -1.22
N LEU A 341 23.22 -11.19 -0.41
CA LEU A 341 23.13 -12.58 -0.86
C LEU A 341 22.32 -12.68 -2.15
N LEU A 342 21.29 -11.86 -2.32
CA LEU A 342 20.53 -11.90 -3.57
C LEU A 342 21.39 -11.47 -4.74
N ASP A 343 22.20 -10.43 -4.55
CA ASP A 343 23.09 -10.00 -5.62
C ASP A 343 24.08 -11.07 -5.99
N PHE A 344 24.58 -11.76 -4.99
CA PHE A 344 25.50 -12.86 -5.20
C PHE A 344 24.81 -13.96 -6.03
N SER A 345 23.61 -14.35 -5.61
CA SER A 345 22.84 -15.38 -6.31
CA SER A 345 22.86 -15.40 -6.32
C SER A 345 22.65 -15.02 -7.78
N THR A 346 22.37 -13.75 -8.06
CA THR A 346 22.12 -13.29 -9.41
C THR A 346 23.37 -13.36 -10.32
N MET A 347 24.53 -13.02 -9.78
CA MET A 347 25.70 -12.89 -10.64
C MET A 347 26.52 -14.15 -10.75
N ILE A 348 26.39 -15.05 -9.78
CA ILE A 348 27.38 -16.12 -9.68
C ILE A 348 27.19 -17.17 -10.77
N ALA A 349 28.31 -17.61 -11.35
CA ALA A 349 28.32 -18.68 -12.34
C ALA A 349 27.95 -20.01 -11.69
N ASP A 350 27.49 -20.94 -12.52
CA ASP A 350 27.14 -22.27 -12.03
C ASP A 350 28.27 -22.97 -11.31
N ASP A 351 29.51 -22.64 -11.65
CA ASP A 351 30.67 -23.26 -11.00
C ASP A 351 31.44 -22.29 -10.10
N MET A 352 30.80 -21.18 -9.74
CA MET A 352 31.41 -20.12 -8.92
C MET A 352 32.71 -19.56 -9.48
N SER A 353 32.98 -19.77 -10.76
CA SER A 353 34.27 -19.41 -11.32
C SER A 353 34.47 -17.91 -11.56
N ASN A 354 33.40 -17.13 -11.46
CA ASN A 354 33.46 -15.69 -11.74
C ASN A 354 33.31 -14.82 -10.49
N TYR A 355 33.54 -15.39 -9.32
CA TYR A 355 33.45 -14.59 -8.10
C TYR A 355 34.60 -13.58 -8.03
N ASP A 356 34.28 -12.34 -7.67
CA ASP A 356 35.29 -11.29 -7.48
C ASP A 356 35.52 -11.06 -6.00
N GLU A 357 36.63 -11.60 -5.49
CA GLU A 357 36.99 -11.49 -4.08
C GLU A 357 37.19 -10.03 -3.65
N GLU A 358 37.48 -9.13 -4.59
CA GLU A 358 37.63 -7.70 -4.29
C GLU A 358 36.31 -6.92 -4.41
N GLY A 359 35.18 -7.61 -4.50
CA GLY A 359 33.91 -6.93 -4.68
C GLY A 359 33.23 -6.40 -3.41
N ALA A 360 33.91 -6.48 -2.28
CA ALA A 360 33.39 -5.99 -1.01
C ALA A 360 32.09 -6.72 -0.61
N TRP A 361 32.04 -7.99 -0.97
CA TRP A 361 31.00 -8.87 -0.46
C TRP A 361 31.18 -9.05 1.04
N PRO A 362 30.13 -9.43 1.76
CA PRO A 362 30.34 -9.77 3.17
C PRO A 362 31.39 -10.87 3.34
N VAL A 363 32.13 -10.82 4.45
CA VAL A 363 33.04 -11.91 4.77
C VAL A 363 32.34 -13.27 4.73
N LEU A 364 31.09 -13.32 5.17
CA LEU A 364 30.36 -14.56 5.18
C LEU A 364 30.30 -15.16 3.77
N ILE A 365 30.10 -14.34 2.76
CA ILE A 365 30.03 -14.83 1.38
C ILE A 365 31.43 -15.18 0.85
N ASP A 366 32.45 -14.39 1.20
CA ASP A 366 33.81 -14.77 0.85
C ASP A 366 34.10 -16.18 1.40
N ASP A 367 33.77 -16.39 2.66
CA ASP A 367 34.03 -17.67 3.29
C ASP A 367 33.20 -18.79 2.64
N PHE A 368 31.97 -18.50 2.28
CA PHE A 368 31.12 -19.49 1.60
C PHE A 368 31.75 -19.93 0.29
N VAL A 369 32.25 -19.00 -0.51
CA VAL A 369 32.84 -19.35 -1.81
C VAL A 369 34.03 -20.30 -1.60
N GLU A 370 34.84 -20.05 -0.57
CA GLU A 370 35.99 -20.92 -0.31
C GLU A 370 35.50 -22.33 0.11
N PHE A 371 34.44 -22.36 0.90
CA PHE A 371 33.85 -23.61 1.33
C PHE A 371 33.22 -24.36 0.16
N ALA A 372 32.59 -23.65 -0.75
CA ALA A 372 31.73 -24.29 -1.75
C ALA A 372 32.43 -24.71 -3.03
N ARG A 373 33.32 -23.88 -3.54
CA ARG A 373 34.03 -24.21 -4.78
C ARG A 373 34.43 -25.69 -4.96
N PRO A 374 35.06 -26.29 -3.94
CA PRO A 374 35.41 -27.71 -4.06
C PRO A 374 34.24 -28.64 -4.40
N GLN A 375 33.19 -28.59 -3.58
CA GLN A 375 31.95 -29.33 -3.85
C GLN A 375 31.39 -29.04 -5.24
FBC DOJ B . -1.45 -11.86 7.24
CBB DOJ B . -0.31 -11.23 6.89
FBD DOJ B . -0.68 -10.08 6.28
FBE DOJ B . 0.29 -11.98 5.95
CAZ DOJ B . 0.55 -11.00 8.10
CBA DOJ B . 1.17 -12.10 8.71
CAY DOJ B . 0.70 -9.73 8.59
CAX DOJ B . 1.52 -9.55 9.71
CAW DOJ B . 2.16 -10.63 10.32
CAV DOJ B . 1.98 -11.89 9.81
NAU DOJ B . 2.65 -12.95 10.48
CAS DOJ B . 2.86 -14.22 9.89
OAT DOJ B . 2.57 -14.52 8.78
NAR DOJ B . 3.46 -15.10 10.81
CAQ DOJ B . 3.93 -16.40 10.25
CAE DOJ B . 3.77 -17.52 11.06
CAF DOJ B . 4.67 -18.73 11.01
OAD DOJ B . 2.41 -17.76 11.48
CAB DOJ B . 1.89 -17.76 12.78
OAC DOJ B . 0.55 -18.11 12.75
CAA DOJ B . 2.10 -16.34 13.35
CAP DOJ B . 5.33 -16.20 9.87
CAO DOJ B . 5.90 -17.49 9.27
NAG DOJ B . 5.93 -18.53 10.27
CAH DOJ B . 6.46 -19.63 9.85
CAI DOJ B . 7.83 -19.47 9.18
CAJ DOJ B . 7.99 -19.53 7.76
CAK DOJ B . 9.24 -19.36 7.17
CAL DOJ B . 10.34 -19.12 7.97
CAM DOJ B . 10.21 -19.05 9.39
CAN DOJ B . 8.97 -19.23 9.96
HBA1 DOJ B . 1.05 -13.03 8.34
HAY1 DOJ B . 0.28 -9.00 8.17
HAX1 DOJ B . 1.65 -8.61 10.09
HAW1 DOJ B . 2.71 -10.50 11.09
HAU1 DOJ B . 2.88 -12.83 11.35
HAR1 DOJ B . 3.73 -14.81 11.62
HAQ1 DOJ B . 3.40 -16.56 9.43
HAE1 DOJ B . 4.13 -17.13 11.92
HAF1 DOJ B . 4.89 -19.00 11.92
HAF2 DOJ B . 4.16 -19.48 10.56
HAB1 DOJ B . 2.40 -18.41 13.34
HAC1 DOJ B . 0.43 -18.84 13.21
HAA3 DOJ B . 1.88 -15.67 12.65
HAA1 DOJ B . 3.04 -16.24 13.61
HAA2 DOJ B . 1.52 -16.21 14.12
HAP2 DOJ B . 5.38 -15.46 9.18
HAP1 DOJ B . 5.84 -15.95 10.63
HAO1 DOJ B . 5.32 -17.79 8.49
HAO2 DOJ B . 6.86 -17.33 8.94
HAH1 DOJ B . 6.54 -20.23 10.61
HAH2 DOJ B . 5.85 -20.02 9.19
HAJ1 DOJ B . 7.24 -19.68 7.22
HAK1 DOJ B . 9.34 -19.40 6.19
HAL1 DOJ B . 11.23 -19.01 7.55
HAM1 DOJ B . 10.99 -18.90 9.95
HAN1 DOJ B . 8.88 -19.17 10.94
#